data_2BMB
#
_entry.id   2BMB
#
_cell.length_a   92.566
_cell.length_b   92.566
_cell.length_c   192.401
_cell.angle_alpha   90.00
_cell.angle_beta   90.00
_cell.angle_gamma   90.00
#
_symmetry.space_group_name_H-M   'P 41 21 2'
#
loop_
_entity.id
_entity.type
_entity.pdbx_description
1 polymer 'FOLIC ACID SYNTHESIS PROTEIN FOL1'
2 non-polymer PTERIN-6-YL-METHYL-MONOPHOSPHATE
3 water water
#
_entity_poly.entity_id   1
_entity_poly.type   'polypeptide(L)'
_entity_poly.pdbx_seq_one_letter_code
;GSHMASMTGGQQMGRGSWKRAFLAFGSNIGDRFKHIQMALQLLSREKTVKLRNISSIFESEPMYFKDQTPFMNGCVEVET
LLTPSELLKLCKKIEYEELQRVKHFDNGPRTIDLDIVMFLNSAGEDIIVNEPDLNIPHPRMLERTFVLEPLCELISPVHL
HPVTAEPIVDHLKQLYDKQHDEDTLWKLVPLPYRSGVEPRFLKFKTATKLDEFTGETNRITVSPTYIMAIFNATPDSFSD
GGEHFADIESQLNDIIKLCKDALYLHESVIIDVGGCSTRPNSIQASEEEEIRRSIPLIKAIRESTELPQDKVILSIDTYR
SNVAKEAIKVGVDIINDISGGLFDSNMFAVIAENPEICYILSHTRGDISTMNRLAHYENFALGDSIQQEFVHNTDIQQLD
DLKDKTVLIRNVGQEIGERYIKAIDNGVKRWQILIDPGLGFAKTWKQNLQIIRHIPILKNYSFTMNSNNSQVYVNLRNMP
VLLGPSRKKFIGHITKDVDAKQRDFATGAVVASCIGFGSDMVRVHDVKNCSKSIKLADAIYKGLE
;
_entity_poly.pdbx_strand_id   A
#
loop_
_chem_comp.id
_chem_comp.type
_chem_comp.name
_chem_comp.formula
PMM non-polymer PTERIN-6-YL-METHYL-MONOPHOSPHATE 'C7 H8 N5 O5 P'
#
# COMPACT_ATOMS: atom_id res chain seq x y z
N SER A 17 -27.37 -17.42 -10.61
CA SER A 17 -27.25 -17.05 -9.17
C SER A 17 -26.07 -16.09 -8.88
N TRP A 18 -24.85 -16.64 -8.93
CA TRP A 18 -23.64 -16.00 -8.40
C TRP A 18 -23.73 -15.77 -6.91
N LYS A 19 -23.06 -16.66 -6.17
CA LYS A 19 -22.94 -16.55 -4.74
C LYS A 19 -21.58 -15.96 -4.40
N ARG A 20 -21.38 -15.59 -3.13
CA ARG A 20 -20.12 -15.01 -2.69
C ARG A 20 -19.43 -15.90 -1.65
N ALA A 21 -18.10 -16.00 -1.74
CA ALA A 21 -17.33 -16.80 -0.78
C ALA A 21 -16.02 -16.11 -0.44
N PHE A 22 -15.55 -16.33 0.79
CA PHE A 22 -14.25 -15.84 1.23
C PHE A 22 -13.41 -17.04 1.60
N LEU A 23 -12.24 -17.13 0.99
CA LEU A 23 -11.33 -18.25 1.12
C LEU A 23 -10.03 -17.76 1.73
N ALA A 24 -9.49 -18.53 2.68
CA ALA A 24 -8.19 -18.24 3.27
C ALA A 24 -7.15 -19.03 2.49
N PHE A 25 -6.00 -18.42 2.23
CA PHE A 25 -4.88 -19.13 1.64
C PHE A 25 -3.61 -18.97 2.48
N GLY A 26 -2.71 -19.92 2.33
CA GLY A 26 -1.47 -19.97 3.12
C GLY A 26 -0.44 -20.88 2.48
N SER A 27 0.83 -20.53 2.67
CA SER A 27 1.95 -21.37 2.26
C SER A 27 3.16 -21.04 3.13
N ASN A 28 3.91 -22.07 3.52
CA ASN A 28 5.19 -21.86 4.19
C ASN A 28 6.32 -22.71 3.59
N ILE A 29 6.13 -23.11 2.32
CA ILE A 29 7.09 -23.97 1.62
C ILE A 29 7.61 -23.32 0.34
N GLY A 30 8.93 -23.30 0.16
CA GLY A 30 9.56 -22.80 -1.07
C GLY A 30 9.20 -21.36 -1.36
N ASP A 31 8.98 -21.05 -2.64
CA ASP A 31 8.52 -19.73 -3.05
C ASP A 31 7.02 -19.62 -2.75
N ARG A 32 6.72 -19.10 -1.56
CA ARG A 32 5.37 -19.08 -1.00
C ARG A 32 4.40 -18.24 -1.82
N PHE A 33 4.90 -17.10 -2.28
CA PHE A 33 4.13 -16.18 -3.09
C PHE A 33 3.77 -16.77 -4.47
N LYS A 34 4.69 -17.55 -5.06
CA LYS A 34 4.37 -18.23 -6.32
C LYS A 34 3.28 -19.29 -6.13
N HIS A 35 3.30 -20.00 -5.00
CA HIS A 35 2.23 -20.96 -4.67
C HIS A 35 0.88 -20.27 -4.54
N ILE A 36 0.87 -19.13 -3.85
CA ILE A 36 -0.34 -18.32 -3.72
C ILE A 36 -0.85 -17.84 -5.10
N GLN A 37 0.03 -17.26 -5.90
CA GLN A 37 -0.33 -16.76 -7.22
C GLN A 37 -0.89 -17.86 -8.12
N MET A 38 -0.26 -19.03 -8.10
CA MET A 38 -0.73 -20.17 -8.88
C MET A 38 -2.15 -20.57 -8.44
N ALA A 39 -2.39 -20.65 -7.13
CA ALA A 39 -3.71 -20.99 -6.62
C ALA A 39 -4.78 -19.99 -7.11
N LEU A 40 -4.45 -18.70 -7.05
CA LEU A 40 -5.37 -17.65 -7.53
C LEU A 40 -5.61 -17.72 -9.04
N GLN A 41 -4.55 -17.99 -9.82
CA GLN A 41 -4.67 -18.28 -11.25
C GLN A 41 -5.65 -19.41 -11.54
N LEU A 42 -5.46 -20.54 -10.85
CA LEU A 42 -6.31 -21.73 -11.00
C LEU A 42 -7.78 -21.46 -10.66
N LEU A 43 -8.03 -20.74 -9.56
CA LEU A 43 -9.40 -20.29 -9.24
C LEU A 43 -10.00 -19.46 -10.36
N SER A 44 -9.29 -18.42 -10.77
CA SER A 44 -9.74 -17.48 -11.79
C SER A 44 -10.10 -18.13 -13.14
N ARG A 45 -9.31 -19.14 -13.52
CA ARG A 45 -9.52 -19.87 -14.78
C ARG A 45 -10.87 -20.59 -14.88
N GLU A 46 -11.44 -20.97 -13.74
CA GLU A 46 -12.76 -21.59 -13.72
C GLU A 46 -13.82 -20.63 -14.24
N LYS A 47 -14.68 -21.14 -15.13
CA LYS A 47 -15.81 -20.40 -15.67
C LYS A 47 -16.83 -20.08 -14.57
N THR A 48 -16.88 -20.95 -13.56
CA THR A 48 -17.81 -20.83 -12.44
C THR A 48 -17.31 -19.88 -11.32
N VAL A 49 -16.07 -19.40 -11.45
CA VAL A 49 -15.46 -18.58 -10.39
C VAL A 49 -14.94 -17.25 -10.92
N LYS A 50 -15.18 -16.20 -10.15
CA LYS A 50 -14.78 -14.85 -10.50
C LYS A 50 -14.13 -14.20 -9.28
N LEU A 51 -12.83 -13.91 -9.38
CA LEU A 51 -12.09 -13.20 -8.33
C LEU A 51 -12.60 -11.77 -8.16
N ARG A 52 -12.99 -11.41 -6.95
CA ARG A 52 -13.53 -10.06 -6.72
C ARG A 52 -12.55 -9.16 -5.97
N ASN A 53 -12.05 -9.64 -4.83
CA ASN A 53 -11.05 -8.91 -4.04
C ASN A 53 -10.06 -9.88 -3.43
N ILE A 54 -8.82 -9.41 -3.28
CA ILE A 54 -7.78 -10.12 -2.55
C ILE A 54 -7.23 -9.17 -1.48
N SER A 55 -6.92 -9.73 -0.32
CA SER A 55 -6.34 -8.98 0.79
C SER A 55 -4.87 -8.64 0.58
N SER A 56 -4.27 -7.96 1.56
CA SER A 56 -2.83 -7.81 1.65
C SER A 56 -2.19 -9.18 1.85
N ILE A 57 -0.88 -9.23 1.68
CA ILE A 57 -0.13 -10.44 1.99
C ILE A 57 0.51 -10.25 3.36
N PHE A 58 0.29 -11.23 4.23
CA PHE A 58 0.81 -11.19 5.59
C PHE A 58 1.78 -12.32 5.82
N GLU A 59 2.77 -12.08 6.67
CA GLU A 59 3.63 -13.14 7.12
C GLU A 59 3.36 -13.35 8.61
N SER A 60 3.17 -14.60 8.98
CA SER A 60 2.85 -14.94 10.36
C SER A 60 3.72 -16.09 10.90
N GLU A 61 3.89 -16.07 12.21
CA GLU A 61 4.54 -17.15 12.93
C GLU A 61 3.70 -18.44 12.81
N PRO A 62 4.35 -19.58 12.52
CA PRO A 62 3.58 -20.82 12.47
C PRO A 62 2.78 -21.01 13.77
N MET A 63 1.49 -21.21 13.65
CA MET A 63 0.63 -21.35 14.81
C MET A 63 0.90 -22.65 15.60
N TYR A 64 1.08 -23.75 14.90
CA TYR A 64 1.15 -25.07 15.56
C TYR A 64 2.56 -25.51 15.82
N PHE A 65 3.46 -25.30 14.86
CA PHE A 65 4.80 -25.90 14.91
C PHE A 65 5.87 -24.84 14.67
N LYS A 66 6.48 -24.39 15.78
CA LYS A 66 7.30 -23.18 15.78
C LYS A 66 8.66 -23.33 15.09
N ASP A 67 9.08 -24.57 14.86
CA ASP A 67 10.34 -24.85 14.20
C ASP A 67 10.24 -24.64 12.67
N GLN A 68 9.05 -24.31 12.17
CA GLN A 68 8.82 -24.21 10.73
C GLN A 68 9.02 -22.82 10.15
N THR A 69 9.17 -22.77 8.83
CA THR A 69 9.19 -21.51 8.08
C THR A 69 7.90 -20.72 8.33
N PRO A 70 8.02 -19.39 8.55
CA PRO A 70 6.83 -18.54 8.68
C PRO A 70 5.87 -18.69 7.49
N PHE A 71 4.58 -18.58 7.77
CA PHE A 71 3.56 -18.66 6.74
C PHE A 71 3.34 -17.33 6.03
N MET A 72 3.03 -17.41 4.74
CA MET A 72 2.47 -16.30 3.98
C MET A 72 0.95 -16.55 3.89
N ASN A 73 0.16 -15.58 4.32
CA ASN A 73 -1.30 -15.77 4.46
C ASN A 73 -2.06 -14.60 3.85
N GLY A 74 -3.29 -14.89 3.42
CA GLY A 74 -4.20 -13.88 2.96
C GLY A 74 -5.58 -14.46 2.73
N CYS A 75 -6.45 -13.65 2.17
CA CYS A 75 -7.83 -14.02 1.90
C CYS A 75 -8.23 -13.54 0.53
N VAL A 76 -9.09 -14.31 -0.13
CA VAL A 76 -9.62 -13.94 -1.44
C VAL A 76 -11.15 -14.01 -1.43
N GLU A 77 -11.78 -12.96 -1.94
CA GLU A 77 -13.23 -12.90 -2.11
C GLU A 77 -13.61 -13.27 -3.54
N VAL A 78 -14.46 -14.28 -3.71
CA VAL A 78 -14.89 -14.72 -5.05
C VAL A 78 -16.38 -14.63 -5.24
N GLU A 79 -16.78 -14.46 -6.49
CA GLU A 79 -18.14 -14.74 -6.90
C GLU A 79 -18.11 -16.06 -7.64
N THR A 80 -19.08 -16.92 -7.33
CA THR A 80 -19.12 -18.25 -7.89
C THR A 80 -20.54 -18.77 -8.10
N LEU A 81 -20.70 -19.64 -9.10
CA LEU A 81 -21.97 -20.31 -9.37
C LEU A 81 -22.01 -21.63 -8.63
N LEU A 82 -20.85 -22.05 -8.12
CA LEU A 82 -20.72 -23.29 -7.38
C LEU A 82 -21.45 -23.25 -6.04
N THR A 83 -21.96 -24.41 -5.66
CA THR A 83 -22.49 -24.65 -4.32
C THR A 83 -21.29 -24.75 -3.37
N PRO A 84 -21.51 -24.60 -2.04
CA PRO A 84 -20.42 -24.79 -1.07
C PRO A 84 -19.64 -26.08 -1.31
N SER A 85 -20.36 -27.16 -1.52
CA SER A 85 -19.76 -28.49 -1.71
C SER A 85 -18.90 -28.56 -2.97
N GLU A 86 -19.42 -28.02 -4.07
CA GLU A 86 -18.70 -27.94 -5.35
C GLU A 86 -17.46 -27.08 -5.23
N LEU A 87 -17.55 -25.99 -4.46
CA LEU A 87 -16.43 -25.10 -4.22
C LEU A 87 -15.31 -25.78 -3.43
N LEU A 88 -15.70 -26.55 -2.42
CA LEU A 88 -14.74 -27.29 -1.61
C LEU A 88 -13.95 -28.30 -2.45
N LYS A 89 -14.64 -28.99 -3.35
CA LYS A 89 -13.99 -29.93 -4.27
C LYS A 89 -12.94 -29.20 -5.11
N LEU A 90 -13.33 -28.04 -5.66
CA LEU A 90 -12.43 -27.21 -6.45
C LEU A 90 -11.19 -26.77 -5.66
N CYS A 91 -11.39 -26.36 -4.41
CA CYS A 91 -10.29 -25.98 -3.53
C CYS A 91 -9.30 -27.13 -3.36
N LYS A 92 -9.84 -28.35 -3.23
CA LYS A 92 -9.03 -29.55 -3.12
C LYS A 92 -8.34 -29.92 -4.44
N LYS A 93 -9.05 -29.78 -5.55
CA LYS A 93 -8.46 -29.96 -6.89
C LYS A 93 -7.26 -29.01 -7.06
N ILE A 94 -7.48 -27.74 -6.78
CA ILE A 94 -6.45 -26.70 -6.85
C ILE A 94 -5.22 -27.02 -5.98
N GLU A 95 -5.44 -27.31 -4.70
CA GLU A 95 -4.36 -27.72 -3.80
C GLU A 95 -3.52 -28.86 -4.38
N TYR A 96 -4.18 -29.86 -4.96
CA TYR A 96 -3.53 -30.98 -5.62
C TYR A 96 -2.78 -30.58 -6.91
N GLU A 97 -3.43 -29.80 -7.78
CA GLU A 97 -2.81 -29.33 -9.02
C GLU A 97 -1.55 -28.50 -8.78
N GLU A 98 -1.54 -27.79 -7.66
CA GLU A 98 -0.43 -26.91 -7.28
C GLU A 98 0.74 -27.77 -6.81
N LEU A 99 0.43 -28.86 -6.11
CA LEU A 99 1.41 -29.82 -5.60
C LEU A 99 2.19 -30.53 -6.72
N GLN A 100 1.75 -30.37 -7.97
CA GLN A 100 2.31 -31.11 -9.11
C GLN A 100 3.72 -30.67 -9.54
N ARG A 101 4.06 -29.41 -9.28
CA ARG A 101 5.40 -28.90 -9.63
C ARG A 101 6.18 -28.46 -8.40
N THR A 111 1.71 -27.63 -0.28
CA THR A 111 2.42 -26.35 -0.46
C THR A 111 1.51 -25.12 -0.60
N ILE A 112 0.19 -25.39 -0.61
CA ILE A 112 -0.83 -24.35 -0.56
C ILE A 112 -2.06 -24.87 0.15
N ASP A 113 -2.56 -24.07 1.09
CA ASP A 113 -3.83 -24.34 1.75
C ASP A 113 -4.86 -23.33 1.26
N LEU A 114 -6.03 -23.84 0.90
CA LEU A 114 -7.14 -23.04 0.40
C LEU A 114 -8.39 -23.50 1.15
N ASP A 115 -8.82 -22.73 2.14
CA ASP A 115 -9.98 -23.06 2.96
C ASP A 115 -11.12 -22.11 2.66
N ILE A 116 -12.35 -22.62 2.70
CA ILE A 116 -13.54 -21.76 2.74
C ILE A 116 -13.74 -21.18 4.15
N VAL A 117 -13.70 -19.86 4.28
CA VAL A 117 -13.89 -19.20 5.58
C VAL A 117 -15.36 -18.87 5.79
N MET A 118 -15.98 -18.26 4.78
CA MET A 118 -17.40 -17.93 4.81
C MET A 118 -17.99 -18.05 3.42
N PHE A 119 -19.30 -18.21 3.37
CA PHE A 119 -20.01 -18.43 2.12
C PHE A 119 -21.35 -17.74 2.26
N LEU A 120 -21.64 -16.83 1.33
CA LEU A 120 -22.88 -16.06 1.34
C LEU A 120 -23.71 -16.43 0.12
N ASN A 121 -25.03 -16.53 0.30
CA ASN A 121 -25.92 -16.79 -0.83
C ASN A 121 -26.11 -15.56 -1.70
N SER A 122 -26.86 -15.71 -2.79
CA SER A 122 -27.05 -14.65 -3.77
C SER A 122 -27.67 -13.38 -3.18
N ALA A 123 -28.37 -13.52 -2.06
CA ALA A 123 -28.97 -12.37 -1.37
C ALA A 123 -28.00 -11.70 -0.40
N GLY A 124 -26.76 -12.19 -0.35
CA GLY A 124 -25.74 -11.63 0.52
C GLY A 124 -25.79 -12.10 1.96
N GLU A 125 -26.60 -13.12 2.25
CA GLU A 125 -26.68 -13.67 3.60
C GLU A 125 -25.69 -14.82 3.83
N ASP A 126 -25.04 -14.79 4.99
CA ASP A 126 -24.17 -15.88 5.43
C ASP A 126 -24.92 -17.19 5.57
N ILE A 127 -24.41 -18.26 4.96
CA ILE A 127 -24.98 -19.59 5.17
C ILE A 127 -24.15 -20.35 6.22
N ILE A 128 -24.79 -21.30 6.89
CA ILE A 128 -24.10 -22.19 7.82
C ILE A 128 -24.20 -23.62 7.30
N VAL A 129 -23.06 -24.29 7.20
CA VAL A 129 -23.02 -25.73 6.93
C VAL A 129 -22.27 -26.44 8.06
N ASN A 130 -22.87 -27.51 8.57
CA ASN A 130 -22.27 -28.33 9.60
C ASN A 130 -22.47 -29.80 9.24
N GLU A 131 -21.76 -30.23 8.20
CA GLU A 131 -21.81 -31.60 7.72
C GLU A 131 -20.49 -32.30 8.06
N PRO A 132 -20.45 -33.65 7.98
CA PRO A 132 -19.20 -34.35 8.32
C PRO A 132 -18.01 -33.87 7.48
N ASP A 133 -18.23 -33.63 6.20
CA ASP A 133 -17.18 -33.23 5.27
C ASP A 133 -16.87 -31.73 5.28
N LEU A 134 -17.86 -30.92 5.65
CA LEU A 134 -17.78 -29.48 5.42
C LEU A 134 -18.39 -28.68 6.58
N ASN A 135 -17.64 -27.71 7.07
CA ASN A 135 -18.12 -26.80 8.11
C ASN A 135 -17.93 -25.33 7.74
N ILE A 136 -19.03 -24.62 7.55
CA ILE A 136 -19.02 -23.20 7.22
C ILE A 136 -19.90 -22.44 8.23
N PRO A 137 -19.37 -21.36 8.84
CA PRO A 137 -18.02 -20.80 8.65
C PRO A 137 -16.93 -21.75 9.16
N HIS A 138 -15.68 -21.49 8.75
CA HIS A 138 -14.56 -22.34 9.13
C HIS A 138 -14.43 -22.36 10.65
N PRO A 139 -14.43 -23.58 11.25
CA PRO A 139 -14.45 -23.69 12.71
C PRO A 139 -13.28 -23.05 13.47
N ARG A 140 -12.16 -22.82 12.79
CA ARG A 140 -10.93 -22.32 13.44
C ARG A 140 -10.69 -20.82 13.27
N MET A 141 -11.53 -20.16 12.47
CA MET A 141 -11.26 -18.80 11.99
C MET A 141 -11.12 -17.76 13.10
N LEU A 142 -11.92 -17.89 14.15
CA LEU A 142 -11.89 -16.90 15.24
C LEU A 142 -10.67 -17.04 16.15
N GLU A 143 -9.87 -18.08 15.91
CA GLU A 143 -8.64 -18.33 16.66
C GLU A 143 -7.39 -17.74 15.99
N ARG A 144 -7.53 -17.28 14.74
CA ARG A 144 -6.38 -17.01 13.86
C ARG A 144 -6.30 -15.57 13.33
N THR A 145 -5.36 -14.78 13.84
CA THR A 145 -5.23 -13.43 13.34
C THR A 145 -4.87 -13.43 11.86
N PHE A 146 -4.18 -14.48 11.42
CA PHE A 146 -3.76 -14.59 10.02
C PHE A 146 -4.94 -14.95 9.09
N VAL A 147 -6.10 -15.30 9.66
CA VAL A 147 -7.34 -15.38 8.87
C VAL A 147 -8.09 -14.06 8.99
N LEU A 148 -8.29 -13.59 10.23
CA LEU A 148 -9.21 -12.48 10.49
C LEU A 148 -8.70 -11.15 9.98
N GLU A 149 -7.40 -10.92 10.11
CA GLU A 149 -6.82 -9.66 9.64
C GLU A 149 -7.04 -9.43 8.13
N PRO A 150 -6.55 -10.35 7.27
CA PRO A 150 -6.84 -10.18 5.84
C PRO A 150 -8.34 -10.23 5.51
N LEU A 151 -9.10 -11.02 6.24
CA LEU A 151 -10.55 -11.09 6.03
C LEU A 151 -11.23 -9.73 6.26
N CYS A 152 -10.85 -9.04 7.33
CA CYS A 152 -11.50 -7.79 7.72
C CYS A 152 -11.01 -6.60 6.91
N GLU A 153 -10.05 -6.86 6.01
CA GLU A 153 -9.72 -5.88 4.97
C GLU A 153 -10.81 -5.89 3.90
N LEU A 154 -11.53 -7.00 3.80
CA LEU A 154 -12.54 -7.24 2.76
C LEU A 154 -14.00 -7.18 3.26
N ILE A 155 -14.23 -7.47 4.54
CA ILE A 155 -15.57 -7.35 5.12
C ILE A 155 -15.66 -6.19 6.09
N SER A 156 -16.84 -5.57 6.19
CA SER A 156 -17.00 -4.33 6.93
C SER A 156 -17.11 -4.60 8.43
N PRO A 157 -16.92 -3.56 9.25
CA PRO A 157 -17.14 -3.68 10.71
C PRO A 157 -18.55 -4.13 11.15
N VAL A 158 -19.55 -4.04 10.27
CA VAL A 158 -20.92 -4.45 10.66
C VAL A 158 -21.24 -5.89 10.22
N HIS A 159 -20.27 -6.57 9.62
CA HIS A 159 -20.45 -7.96 9.22
C HIS A 159 -20.32 -8.86 10.45
N LEU A 160 -21.40 -9.59 10.75
CA LEU A 160 -21.47 -10.43 11.93
C LEU A 160 -21.07 -11.85 11.60
N HIS A 161 -20.44 -12.51 12.57
CA HIS A 161 -20.20 -13.94 12.46
C HIS A 161 -21.55 -14.66 12.58
N PRO A 162 -21.84 -15.56 11.62
CA PRO A 162 -23.13 -16.27 11.54
C PRO A 162 -23.50 -17.03 12.81
N VAL A 163 -22.50 -17.60 13.50
CA VAL A 163 -22.78 -18.36 14.71
C VAL A 163 -22.82 -17.48 15.97
N THR A 164 -21.78 -16.68 16.20
CA THR A 164 -21.68 -15.89 17.43
C THR A 164 -22.57 -14.64 17.44
N ALA A 165 -22.90 -14.13 16.24
CA ALA A 165 -23.68 -12.90 16.07
C ALA A 165 -22.94 -11.66 16.58
N GLU A 166 -21.62 -11.76 16.66
CA GLU A 166 -20.76 -10.63 16.97
C GLU A 166 -20.05 -10.19 15.70
N PRO A 167 -19.78 -8.87 15.57
CA PRO A 167 -18.96 -8.40 14.45
C PRO A 167 -17.61 -9.13 14.45
N ILE A 168 -17.19 -9.57 13.27
CA ILE A 168 -15.93 -10.29 13.12
C ILE A 168 -14.73 -9.42 13.53
N VAL A 169 -14.81 -8.11 13.29
CA VAL A 169 -13.78 -7.17 13.75
C VAL A 169 -13.61 -7.20 15.26
N ASP A 170 -14.70 -7.45 16.00
CA ASP A 170 -14.66 -7.58 17.47
C ASP A 170 -13.90 -8.81 17.90
N HIS A 171 -14.13 -9.93 17.20
CA HIS A 171 -13.40 -11.16 17.43
C HIS A 171 -11.89 -10.98 17.15
N LEU A 172 -11.57 -10.22 16.10
CA LEU A 172 -10.18 -9.85 15.78
C LEU A 172 -9.56 -9.03 16.91
N LYS A 173 -10.25 -7.95 17.30
CA LYS A 173 -9.81 -7.11 18.40
C LYS A 173 -9.55 -7.96 19.64
N GLN A 174 -10.48 -8.87 19.96
CA GLN A 174 -10.36 -9.74 21.11
C GLN A 174 -9.05 -10.54 21.12
N LEU A 175 -8.66 -11.06 19.95
CA LEU A 175 -7.41 -11.79 19.80
C LEU A 175 -6.18 -10.92 20.08
N TYR A 176 -6.08 -9.77 19.40
CA TYR A 176 -5.04 -8.80 19.68
C TYR A 176 -5.00 -8.38 21.16
N ASP A 177 -6.17 -8.27 21.79
CA ASP A 177 -6.27 -7.87 23.21
C ASP A 177 -5.54 -8.84 24.15
N LYS A 178 -5.41 -10.10 23.74
CA LYS A 178 -4.64 -11.09 24.49
C LYS A 178 -3.15 -10.73 24.56
N GLN A 179 -2.66 -9.99 23.55
CA GLN A 179 -1.29 -9.49 23.56
C GLN A 179 -0.24 -10.62 23.48
N HIS A 180 -0.52 -11.67 22.72
CA HIS A 180 0.49 -12.69 22.44
C HIS A 180 1.25 -12.29 21.17
N ASP A 181 2.57 -12.21 21.25
CA ASP A 181 3.38 -11.86 20.08
C ASP A 181 3.31 -12.95 18.99
N GLU A 182 2.85 -14.14 19.37
CA GLU A 182 2.60 -15.23 18.43
C GLU A 182 1.58 -14.84 17.36
N ASP A 183 0.67 -13.93 17.73
CA ASP A 183 -0.45 -13.50 16.87
C ASP A 183 -0.09 -12.30 15.97
N THR A 184 1.12 -11.78 16.15
CA THR A 184 1.62 -10.61 15.42
C THR A 184 1.85 -10.89 13.92
N LEU A 185 1.45 -9.95 13.08
CA LEU A 185 1.62 -10.09 11.64
C LEU A 185 2.57 -9.06 11.06
N TRP A 186 3.36 -9.48 10.09
CA TRP A 186 4.06 -8.57 9.20
C TRP A 186 3.23 -8.49 7.93
N LYS A 187 3.09 -7.30 7.39
CA LYS A 187 2.58 -7.19 6.02
C LYS A 187 3.77 -7.16 5.06
N LEU A 188 3.70 -7.96 3.99
CA LEU A 188 4.73 -7.99 2.95
C LEU A 188 4.19 -7.40 1.65
N VAL A 189 4.91 -6.42 1.11
CA VAL A 189 4.58 -5.90 -0.21
C VAL A 189 5.63 -6.40 -1.19
N PRO A 190 5.22 -7.23 -2.17
CA PRO A 190 6.16 -7.86 -3.10
C PRO A 190 6.98 -6.85 -3.91
N LEU A 191 8.24 -7.19 -4.13
CA LEU A 191 9.12 -6.46 -5.06
C LEU A 191 9.62 -7.47 -6.09
N PRO A 192 10.07 -7.00 -7.27
CA PRO A 192 10.48 -7.96 -8.32
C PRO A 192 11.61 -8.88 -7.86
N TYR A 193 11.63 -10.07 -8.44
CA TYR A 193 12.73 -11.00 -8.26
C TYR A 193 14.00 -10.42 -8.88
N ARG A 194 15.11 -10.66 -8.22
CA ARG A 194 16.42 -10.43 -8.83
C ARG A 194 17.20 -11.75 -8.83
N SER A 195 17.97 -11.99 -9.89
CA SER A 195 18.80 -13.21 -10.02
C SER A 195 19.66 -13.48 -8.78
N GLY A 196 19.64 -14.73 -8.32
CA GLY A 196 20.45 -15.17 -7.18
C GLY A 196 20.00 -14.65 -5.81
N VAL A 197 19.04 -13.74 -5.82
CA VAL A 197 18.53 -13.12 -4.59
C VAL A 197 17.22 -13.82 -4.16
N GLU A 198 17.06 -13.99 -2.84
CA GLU A 198 15.80 -14.45 -2.25
C GLU A 198 14.62 -13.52 -2.57
N PRO A 199 13.36 -14.04 -2.51
CA PRO A 199 12.16 -13.21 -2.70
C PRO A 199 12.25 -11.88 -1.92
N ARG A 200 11.91 -10.78 -2.60
CA ARG A 200 12.05 -9.42 -2.04
C ARG A 200 10.71 -8.78 -1.69
N PHE A 201 10.66 -8.14 -0.54
CA PHE A 201 9.43 -7.48 -0.05
C PHE A 201 9.77 -6.19 0.64
N LEU A 202 8.83 -5.23 0.61
CA LEU A 202 8.77 -4.19 1.63
C LEU A 202 8.01 -4.79 2.81
N LYS A 203 8.46 -4.51 4.03
CA LYS A 203 7.89 -5.18 5.19
C LYS A 203 7.44 -4.18 6.27
N PHE A 204 6.27 -4.46 6.86
CA PHE A 204 5.69 -3.57 7.84
C PHE A 204 5.13 -4.41 9.01
N LYS A 205 5.74 -4.26 10.17
CA LYS A 205 5.29 -5.00 11.36
C LYS A 205 4.39 -4.09 12.19
N THR A 206 3.29 -4.66 12.66
CA THR A 206 2.34 -3.91 13.47
C THR A 206 2.27 -4.52 14.87
N ALA A 207 2.12 -3.65 15.87
CA ALA A 207 1.94 -4.09 17.25
C ALA A 207 0.74 -3.40 17.85
N THR A 208 0.22 -3.94 18.96
CA THR A 208 -0.92 -3.35 19.66
C THR A 208 -0.58 -2.94 21.09
N LYS A 209 -1.20 -1.85 21.54
CA LYS A 209 -1.22 -1.47 22.95
C LYS A 209 -2.38 -0.54 23.26
N THR A 217 -6.94 0.22 23.44
CA THR A 217 -6.08 -0.52 22.52
C THR A 217 -5.88 0.23 21.20
N ASN A 218 -4.63 0.33 20.76
CA ASN A 218 -4.26 0.92 19.49
C ASN A 218 -3.18 0.13 18.76
N ARG A 219 -3.27 0.13 17.43
CA ARG A 219 -2.36 -0.62 16.59
C ARG A 219 -1.39 0.33 15.88
N ILE A 220 -0.11 -0.02 15.91
CA ILE A 220 0.97 0.87 15.49
C ILE A 220 2.06 0.10 14.71
N THR A 221 2.55 0.71 13.63
CA THR A 221 3.68 0.16 12.88
C THR A 221 4.97 0.32 13.67
N VAL A 222 5.68 -0.79 13.88
CA VAL A 222 6.87 -0.80 14.73
C VAL A 222 8.15 -1.24 14.02
N SER A 223 8.06 -1.52 12.73
CA SER A 223 9.24 -1.80 11.93
C SER A 223 9.81 -0.47 11.45
N PRO A 224 11.12 -0.42 11.11
CA PRO A 224 11.75 0.84 10.71
C PRO A 224 11.06 1.54 9.55
N THR A 225 11.03 2.86 9.64
CA THR A 225 10.52 3.71 8.57
C THR A 225 11.44 3.58 7.35
N TYR A 226 10.85 3.40 6.16
CA TYR A 226 11.62 3.42 4.92
C TYR A 226 11.97 4.84 4.49
N ILE A 227 13.22 5.02 4.07
CA ILE A 227 13.64 6.28 3.53
C ILE A 227 13.66 6.21 2.01
N MET A 228 12.95 7.15 1.38
CA MET A 228 12.98 7.32 -0.06
C MET A 228 13.74 8.60 -0.41
N ALA A 229 14.90 8.41 -1.04
CA ALA A 229 15.74 9.50 -1.55
C ALA A 229 15.22 10.04 -2.88
N ILE A 230 15.04 11.36 -2.94
CA ILE A 230 14.64 12.01 -4.18
C ILE A 230 15.85 12.19 -5.10
N PHE A 231 15.70 11.76 -6.35
CA PHE A 231 16.65 12.14 -7.38
C PHE A 231 15.94 12.71 -8.59
N ASN A 232 16.09 14.02 -8.79
CA ASN A 232 15.49 14.71 -9.93
C ASN A 232 16.45 14.71 -11.12
N ALA A 233 15.98 14.15 -12.23
CA ALA A 233 16.74 14.07 -13.48
C ALA A 233 16.23 15.11 -14.47
N THR A 234 15.81 16.25 -13.92
CA THR A 234 15.25 17.36 -14.71
C THR A 234 16.26 18.50 -14.73
N PRO A 235 16.14 19.43 -15.71
CA PRO A 235 16.98 20.62 -15.71
C PRO A 235 16.43 21.71 -14.77
N ASP A 236 15.21 21.50 -14.27
CA ASP A 236 14.50 22.47 -13.44
C ASP A 236 15.30 22.85 -12.20
N SER A 237 15.69 24.13 -12.15
CA SER A 237 16.49 24.71 -11.05
C SER A 237 17.87 24.07 -10.87
N PHE A 238 18.91 24.89 -10.98
CA PHE A 238 20.32 24.49 -10.87
C PHE A 238 20.64 23.72 -9.57
N SER A 239 19.95 24.06 -8.48
CA SER A 239 20.24 23.54 -7.15
C SER A 239 19.78 22.11 -6.88
N ASP A 240 18.94 21.58 -7.76
CA ASP A 240 18.36 20.25 -7.55
C ASP A 240 18.33 19.38 -8.81
N GLY A 241 19.41 18.64 -9.03
CA GLY A 241 19.59 17.81 -10.22
C GLY A 241 19.88 18.64 -11.46
N GLY A 242 20.15 19.93 -11.23
CA GLY A 242 20.30 20.91 -12.29
C GLY A 242 21.53 20.77 -13.17
N GLU A 243 22.71 20.76 -12.55
CA GLU A 243 23.98 20.78 -13.31
C GLU A 243 24.39 19.44 -13.93
N HIS A 244 24.02 18.34 -13.27
CA HIS A 244 24.38 17.00 -13.75
C HIS A 244 23.34 16.45 -14.72
N PHE A 245 22.38 17.30 -15.10
CA PHE A 245 21.31 16.94 -16.03
C PHE A 245 21.85 16.35 -17.33
N ALA A 246 21.20 15.27 -17.80
CA ALA A 246 21.59 14.58 -19.06
C ALA A 246 22.98 13.91 -19.03
N ASP A 247 23.61 13.94 -17.85
CA ASP A 247 24.92 13.33 -17.63
C ASP A 247 24.77 12.14 -16.70
N ILE A 248 24.56 10.95 -17.28
CA ILE A 248 24.29 9.72 -16.50
C ILE A 248 25.45 9.31 -15.57
N GLU A 249 26.69 9.46 -16.03
CA GLU A 249 27.85 9.13 -15.21
C GLU A 249 27.89 9.96 -13.93
N SER A 250 27.70 11.28 -14.07
CA SER A 250 27.67 12.20 -12.93
C SER A 250 26.52 11.86 -11.98
N GLN A 251 25.34 11.70 -12.56
CA GLN A 251 24.14 11.33 -11.82
C GLN A 251 24.33 10.06 -11.00
N LEU A 252 24.88 9.03 -11.62
CA LEU A 252 25.17 7.77 -10.93
C LEU A 252 26.07 8.00 -9.70
N ASN A 253 27.17 8.71 -9.88
CA ASN A 253 28.03 9.10 -8.76
C ASN A 253 27.28 9.80 -7.63
N ASP A 254 26.32 10.66 -7.98
CA ASP A 254 25.47 11.32 -6.98
C ASP A 254 24.68 10.28 -6.19
N ILE A 255 24.17 9.29 -6.91
CA ILE A 255 23.32 8.24 -6.35
C ILE A 255 24.11 7.28 -5.47
N ILE A 256 25.33 6.93 -5.88
CA ILE A 256 26.22 6.14 -5.03
C ILE A 256 26.46 6.86 -3.69
N LYS A 257 26.65 8.18 -3.73
CA LYS A 257 26.83 8.99 -2.53
C LYS A 257 25.58 8.95 -1.63
N LEU A 258 24.40 9.10 -2.23
CA LEU A 258 23.13 9.06 -1.49
C LEU A 258 22.94 7.75 -0.75
N CYS A 259 23.25 6.65 -1.45
CA CYS A 259 23.10 5.30 -0.89
C CYS A 259 24.03 5.11 0.28
N LYS A 260 25.24 5.63 0.15
CA LYS A 260 26.24 5.54 1.21
C LYS A 260 25.78 6.32 2.44
N ASP A 261 25.23 7.52 2.20
CA ASP A 261 24.71 8.36 3.27
C ASP A 261 23.55 7.69 4.03
N ALA A 262 22.62 7.11 3.28
CA ALA A 262 21.43 6.46 3.86
C ALA A 262 21.76 5.15 4.55
N LEU A 263 22.63 4.36 3.92
CA LEU A 263 22.94 3.01 4.41
C LEU A 263 23.84 3.00 5.63
N TYR A 264 24.39 4.16 5.99
CA TYR A 264 25.16 4.29 7.22
C TYR A 264 24.30 3.94 8.44
N LEU A 265 23.07 4.43 8.48
CA LEU A 265 22.16 4.19 9.61
C LEU A 265 21.01 3.22 9.32
N HIS A 266 20.73 2.98 8.04
CA HIS A 266 19.57 2.18 7.64
C HIS A 266 19.95 0.92 6.87
N GLU A 267 19.07 -0.08 6.93
CA GLU A 267 19.29 -1.37 6.27
C GLU A 267 19.03 -1.29 4.76
N SER A 268 18.09 -0.45 4.38
CA SER A 268 17.66 -0.31 2.99
C SER A 268 17.56 1.15 2.62
N VAL A 269 17.54 1.40 1.31
CA VAL A 269 17.23 2.71 0.80
C VAL A 269 16.45 2.58 -0.52
N ILE A 270 15.47 3.45 -0.70
CA ILE A 270 14.80 3.59 -1.98
C ILE A 270 15.30 4.86 -2.67
N ILE A 271 15.75 4.72 -3.91
CA ILE A 271 16.07 5.88 -4.75
C ILE A 271 14.93 6.12 -5.75
N ASP A 272 14.31 7.30 -5.63
CA ASP A 272 13.19 7.70 -6.47
C ASP A 272 13.71 8.60 -7.58
N VAL A 273 13.80 8.04 -8.79
CA VAL A 273 14.29 8.76 -9.96
C VAL A 273 13.13 9.45 -10.67
N GLY A 274 13.21 10.77 -10.83
CA GLY A 274 12.15 11.54 -11.49
C GLY A 274 12.61 12.34 -12.70
N GLY A 275 11.97 12.13 -13.84
CA GLY A 275 12.34 12.80 -15.09
C GLY A 275 11.35 13.87 -15.55
N CYS A 276 10.36 14.13 -14.71
CA CYS A 276 9.26 15.03 -15.06
C CYS A 276 8.99 15.94 -13.85
N SER A 277 8.77 17.23 -14.10
CA SER A 277 8.49 18.15 -13.01
C SER A 277 7.03 18.06 -12.59
N THR A 278 6.80 18.02 -11.28
CA THR A 278 5.46 17.89 -10.72
C THR A 278 5.07 19.11 -9.88
N ARG A 279 5.77 20.22 -10.11
CA ARG A 279 5.54 21.43 -9.35
C ARG A 279 4.43 22.23 -10.02
N PRO A 280 3.48 22.78 -9.23
CA PRO A 280 2.34 23.53 -9.75
C PRO A 280 2.66 24.37 -10.98
N ASN A 281 1.91 24.14 -12.06
CA ASN A 281 2.05 24.86 -13.32
C ASN A 281 3.39 24.70 -14.07
N SER A 282 4.21 23.73 -13.65
CA SER A 282 5.48 23.49 -14.33
C SER A 282 5.27 22.84 -15.69
N ILE A 283 6.03 23.31 -16.69
CA ILE A 283 6.06 22.71 -18.03
C ILE A 283 6.38 21.21 -17.94
N GLN A 284 5.64 20.40 -18.70
CA GLN A 284 5.81 18.95 -18.63
C GLN A 284 6.71 18.43 -19.75
N ALA A 285 7.85 17.86 -19.39
CA ALA A 285 8.70 17.15 -20.34
C ALA A 285 7.87 16.17 -21.16
N SER A 286 8.20 16.01 -22.44
CA SER A 286 7.53 15.01 -23.29
C SER A 286 7.84 13.60 -22.78
N GLU A 287 7.05 12.62 -23.20
CA GLU A 287 7.26 11.24 -22.78
C GLU A 287 8.64 10.76 -23.22
N GLU A 288 8.93 10.95 -24.50
CA GLU A 288 10.21 10.62 -25.09
C GLU A 288 11.35 11.27 -24.31
N GLU A 289 11.13 12.49 -23.85
CA GLU A 289 12.11 13.22 -23.04
C GLU A 289 12.23 12.63 -21.63
N GLU A 290 11.09 12.30 -21.01
CA GLU A 290 11.08 11.67 -19.69
C GLU A 290 11.78 10.30 -19.72
N ILE A 291 11.51 9.50 -20.75
CA ILE A 291 12.15 8.19 -20.92
C ILE A 291 13.66 8.34 -20.99
N ARG A 292 14.13 9.26 -21.83
CA ARG A 292 15.55 9.55 -21.99
C ARG A 292 16.22 9.94 -20.65
N ARG A 293 15.52 10.75 -19.85
CA ARG A 293 16.02 11.18 -18.54
C ARG A 293 16.07 10.05 -17.51
N SER A 294 15.01 9.25 -17.42
CA SER A 294 14.86 8.27 -16.35
C SER A 294 15.42 6.87 -16.61
N ILE A 295 15.07 6.30 -17.75
CA ILE A 295 15.30 4.88 -18.04
C ILE A 295 16.80 4.47 -18.10
N PRO A 296 17.62 5.19 -18.89
CA PRO A 296 19.06 4.85 -18.87
C PRO A 296 19.71 4.96 -17.48
N LEU A 297 19.26 5.93 -16.68
CA LEU A 297 19.77 6.10 -15.33
C LEU A 297 19.38 4.95 -14.39
N ILE A 298 18.13 4.47 -14.51
CA ILE A 298 17.69 3.31 -13.73
C ILE A 298 18.48 2.06 -14.15
N LYS A 299 18.68 1.89 -15.45
CA LYS A 299 19.49 0.79 -15.97
C LYS A 299 20.91 0.83 -15.37
N ALA A 300 21.51 2.02 -15.38
CA ALA A 300 22.87 2.23 -14.86
C ALA A 300 23.01 1.99 -13.36
N ILE A 301 22.01 2.39 -12.57
CA ILE A 301 22.01 2.12 -11.12
C ILE A 301 21.94 0.62 -10.86
N ARG A 302 20.97 -0.02 -11.49
CA ARG A 302 20.70 -1.45 -11.36
C ARG A 302 21.90 -2.31 -11.80
N GLU A 303 22.69 -1.81 -12.74
CA GLU A 303 23.88 -2.51 -13.26
C GLU A 303 25.17 -2.22 -12.50
N SER A 304 25.14 -1.22 -11.63
CA SER A 304 26.33 -0.75 -10.91
C SER A 304 26.90 -1.79 -9.95
N THR A 305 28.21 -1.98 -10.01
CA THR A 305 28.92 -2.83 -9.06
C THR A 305 29.49 -2.04 -7.89
N GLU A 306 29.35 -0.72 -7.97
CA GLU A 306 29.76 0.16 -6.89
C GLU A 306 28.71 0.23 -5.78
N LEU A 307 27.51 -0.30 -6.07
CA LEU A 307 26.39 -0.28 -5.13
C LEU A 307 26.08 -1.63 -4.52
N PRO A 308 25.74 -1.66 -3.21
CA PRO A 308 25.25 -2.88 -2.58
C PRO A 308 23.81 -3.12 -3.04
N GLN A 309 23.66 -3.88 -4.12
CA GLN A 309 22.39 -3.99 -4.82
C GLN A 309 21.23 -4.51 -3.95
N ASP A 310 21.57 -5.37 -2.99
CA ASP A 310 20.58 -5.98 -2.09
C ASP A 310 19.95 -5.00 -1.08
N LYS A 311 20.62 -3.88 -0.82
CA LYS A 311 20.11 -2.89 0.13
C LYS A 311 19.51 -1.69 -0.59
N VAL A 312 19.49 -1.74 -1.92
CA VAL A 312 19.02 -0.62 -2.75
C VAL A 312 17.77 -0.97 -3.56
N ILE A 313 16.70 -0.22 -3.32
CA ILE A 313 15.41 -0.43 -3.98
C ILE A 313 15.17 0.71 -4.96
N LEU A 314 14.69 0.39 -6.16
CA LEU A 314 14.53 1.42 -7.19
C LEU A 314 13.08 1.81 -7.43
N SER A 315 12.84 3.12 -7.43
CA SER A 315 11.52 3.67 -7.70
C SER A 315 11.62 4.63 -8.89
N ILE A 316 10.56 4.74 -9.66
CA ILE A 316 10.49 5.81 -10.66
C ILE A 316 9.26 6.68 -10.41
N ASP A 317 9.46 7.99 -10.38
CA ASP A 317 8.37 8.95 -10.25
C ASP A 317 7.86 9.21 -11.66
N THR A 318 6.72 8.60 -11.99
CA THR A 318 6.08 8.81 -13.30
C THR A 318 4.57 8.61 -13.25
N TYR A 319 3.85 9.38 -14.05
CA TYR A 319 2.42 9.18 -14.22
C TYR A 319 2.10 8.57 -15.59
N ARG A 320 3.14 8.24 -16.34
CA ARG A 320 2.99 7.73 -17.71
C ARG A 320 3.18 6.23 -17.76
N SER A 321 2.18 5.54 -18.29
CA SER A 321 2.15 4.09 -18.32
C SER A 321 3.32 3.51 -19.12
N ASN A 322 3.64 4.16 -20.24
CA ASN A 322 4.72 3.69 -21.11
C ASN A 322 6.11 3.84 -20.49
N VAL A 323 6.32 4.94 -19.77
CA VAL A 323 7.54 5.14 -18.98
C VAL A 323 7.65 4.08 -17.87
N ALA A 324 6.55 3.81 -17.17
CA ALA A 324 6.52 2.76 -16.15
C ALA A 324 6.95 1.42 -16.74
N LYS A 325 6.34 1.06 -17.87
CA LYS A 325 6.64 -0.14 -18.63
C LYS A 325 8.13 -0.27 -19.03
N GLU A 326 8.72 0.83 -19.51
CA GLU A 326 10.15 0.87 -19.81
C GLU A 326 11.03 0.72 -18.55
N ALA A 327 10.63 1.38 -17.46
CA ALA A 327 11.33 1.28 -16.18
C ALA A 327 11.34 -0.14 -15.62
N ILE A 328 10.20 -0.83 -15.74
CA ILE A 328 10.06 -2.21 -15.29
C ILE A 328 11.05 -3.14 -16.02
N LYS A 329 11.26 -2.87 -17.30
CA LYS A 329 12.18 -3.68 -18.11
C LYS A 329 13.63 -3.54 -17.66
N VAL A 330 14.00 -2.38 -17.13
CA VAL A 330 15.39 -2.15 -16.73
C VAL A 330 15.62 -2.41 -15.24
N GLY A 331 14.58 -2.91 -14.57
CA GLY A 331 14.72 -3.43 -13.21
C GLY A 331 14.24 -2.53 -12.08
N VAL A 332 13.29 -1.64 -12.36
CA VAL A 332 12.69 -0.81 -11.32
C VAL A 332 11.79 -1.69 -10.43
N ASP A 333 11.62 -1.28 -9.17
CA ASP A 333 10.87 -2.05 -8.18
C ASP A 333 9.54 -1.40 -7.86
N ILE A 334 9.53 -0.06 -7.90
CA ILE A 334 8.37 0.75 -7.49
C ILE A 334 7.97 1.79 -8.54
N ILE A 335 6.68 1.84 -8.88
CA ILE A 335 6.16 2.93 -9.71
C ILE A 335 5.48 3.96 -8.80
N ASN A 336 6.01 5.19 -8.80
CA ASN A 336 5.48 6.24 -7.95
C ASN A 336 4.70 7.24 -8.78
N ASP A 337 3.38 7.12 -8.74
CA ASP A 337 2.49 7.88 -9.62
C ASP A 337 1.72 8.93 -8.81
N ILE A 338 2.15 10.18 -8.93
CA ILE A 338 1.53 11.28 -8.18
C ILE A 338 0.07 11.55 -8.56
N SER A 339 -0.40 10.94 -9.64
CA SER A 339 -1.78 11.12 -10.07
C SER A 339 -2.70 9.95 -9.70
N GLY A 340 -2.12 8.86 -9.20
CA GLY A 340 -2.91 7.68 -8.83
C GLY A 340 -3.73 7.18 -10.00
N GLY A 341 -3.11 7.17 -11.18
CA GLY A 341 -3.75 6.68 -12.41
C GLY A 341 -4.58 7.69 -13.18
N LEU A 342 -4.75 8.90 -12.64
CA LEU A 342 -5.63 9.91 -13.26
C LEU A 342 -5.12 10.47 -14.58
N PHE A 343 -3.80 10.47 -14.78
CA PHE A 343 -3.23 11.13 -15.98
C PHE A 343 -3.09 10.16 -17.13
N ASP A 344 -2.98 8.87 -16.82
CA ASP A 344 -2.87 7.84 -17.84
C ASP A 344 -3.79 6.67 -17.48
N SER A 345 -4.83 6.50 -18.29
CA SER A 345 -5.82 5.44 -18.11
C SER A 345 -5.28 4.02 -18.38
N ASN A 346 -4.05 3.93 -18.87
CA ASN A 346 -3.40 2.65 -19.13
C ASN A 346 -2.40 2.28 -18.01
N MET A 347 -2.19 3.19 -17.07
CA MET A 347 -1.27 2.94 -15.95
C MET A 347 -1.66 1.69 -15.16
N PHE A 348 -2.92 1.59 -14.77
CA PHE A 348 -3.41 0.45 -13.99
C PHE A 348 -3.20 -0.87 -14.73
N ALA A 349 -3.43 -0.87 -16.05
CA ALA A 349 -3.20 -2.08 -16.86
C ALA A 349 -1.74 -2.54 -16.80
N VAL A 350 -0.80 -1.60 -16.82
CA VAL A 350 0.63 -1.89 -16.68
C VAL A 350 0.95 -2.54 -15.32
N ILE A 351 0.44 -1.94 -14.25
CA ILE A 351 0.66 -2.46 -12.90
C ILE A 351 0.05 -3.85 -12.75
N ALA A 352 -1.15 -4.04 -13.29
CA ALA A 352 -1.86 -5.31 -13.24
C ALA A 352 -1.04 -6.45 -13.90
N GLU A 353 -0.33 -6.14 -14.98
CA GLU A 353 0.50 -7.11 -15.70
C GLU A 353 1.77 -7.50 -14.95
N ASN A 354 2.04 -6.85 -13.81
CA ASN A 354 3.29 -6.99 -13.09
C ASN A 354 3.05 -7.14 -11.60
N PRO A 355 2.54 -8.33 -11.18
CA PRO A 355 2.13 -8.56 -9.78
C PRO A 355 3.22 -8.38 -8.72
N GLU A 356 4.49 -8.37 -9.12
CA GLU A 356 5.56 -8.13 -8.14
C GLU A 356 6.09 -6.69 -8.15
N ILE A 357 5.49 -5.82 -8.96
CA ILE A 357 5.80 -4.40 -8.89
C ILE A 357 4.98 -3.72 -7.79
N CYS A 358 5.61 -2.77 -7.10
CA CYS A 358 4.92 -1.99 -6.09
C CYS A 358 4.46 -0.68 -6.72
N TYR A 359 3.24 -0.27 -6.38
CA TYR A 359 2.63 0.93 -6.96
C TYR A 359 2.23 1.91 -5.88
N ILE A 360 2.68 3.15 -6.01
CA ILE A 360 2.28 4.18 -5.05
C ILE A 360 1.12 4.95 -5.63
N LEU A 361 -0.02 4.80 -4.97
CA LEU A 361 -1.26 5.47 -5.35
C LEU A 361 -1.31 6.77 -4.54
N SER A 362 -1.05 7.87 -5.21
CA SER A 362 -1.01 9.16 -4.54
C SER A 362 -2.29 9.97 -4.83
N HIS A 363 -2.74 10.75 -3.85
CA HIS A 363 -3.91 11.62 -4.03
C HIS A 363 -3.59 12.95 -4.71
N THR A 364 -4.41 13.30 -5.71
CA THR A 364 -4.42 14.63 -6.29
C THR A 364 -5.79 14.95 -6.89
N ARG A 365 -5.94 16.16 -7.43
CA ARG A 365 -7.13 16.57 -8.19
C ARG A 365 -6.68 17.35 -9.42
N GLY A 366 -7.53 17.34 -10.46
CA GLY A 366 -7.23 18.03 -11.71
C GLY A 366 -5.92 17.58 -12.32
N ASP A 367 -5.14 18.53 -12.81
CA ASP A 367 -3.80 18.20 -13.27
C ASP A 367 -2.79 19.22 -12.75
N ILE A 368 -1.55 19.10 -13.22
CA ILE A 368 -0.46 19.90 -12.65
C ILE A 368 -0.69 21.41 -12.80
N SER A 369 -1.32 21.83 -13.90
CA SER A 369 -1.60 23.25 -14.10
C SER A 369 -2.90 23.78 -13.46
N THR A 370 -3.81 22.90 -13.05
CA THR A 370 -5.09 23.34 -12.46
C THR A 370 -5.25 23.01 -10.97
N MET A 371 -4.48 22.06 -10.44
CA MET A 371 -4.63 21.60 -9.05
C MET A 371 -4.64 22.71 -8.01
N ASN A 372 -3.91 23.80 -8.26
CA ASN A 372 -3.88 24.96 -7.36
C ASN A 372 -5.25 25.58 -7.11
N ARG A 373 -6.16 25.41 -8.07
CA ARG A 373 -7.51 25.98 -8.01
C ARG A 373 -8.49 25.08 -7.23
N LEU A 374 -8.07 23.86 -6.90
CA LEU A 374 -9.00 22.79 -6.46
C LEU A 374 -8.83 22.36 -5.00
N ALA A 375 -8.21 23.23 -4.20
CA ALA A 375 -7.89 22.92 -2.81
C ALA A 375 -9.06 23.27 -1.89
N HIS A 376 -10.23 22.74 -2.20
CA HIS A 376 -11.42 23.04 -1.41
C HIS A 376 -12.13 21.72 -1.10
N TYR A 377 -12.25 21.39 0.18
CA TYR A 377 -12.72 20.05 0.59
C TYR A 377 -13.99 19.97 1.45
N GLU A 378 -14.78 21.03 1.50
CA GLU A 378 -16.08 21.03 2.21
C GLU A 378 -17.08 20.00 1.66
N ASN A 379 -17.12 19.88 0.33
CA ASN A 379 -18.07 19.00 -0.36
C ASN A 379 -17.48 17.63 -0.74
N PHE A 380 -18.29 16.59 -0.60
CA PHE A 380 -17.86 15.23 -0.84
C PHE A 380 -18.39 14.74 -2.18
N ALA A 381 -17.47 14.50 -3.12
CA ALA A 381 -17.80 14.05 -4.48
C ALA A 381 -18.73 12.84 -4.49
N LEU A 382 -18.34 11.80 -3.77
CA LEU A 382 -19.12 10.55 -3.72
C LEU A 382 -20.08 10.53 -2.52
N GLY A 383 -20.19 11.66 -1.82
CA GLY A 383 -21.01 11.77 -0.61
C GLY A 383 -22.30 10.97 -0.64
N ASP A 384 -23.06 11.12 -1.73
CA ASP A 384 -24.34 10.40 -1.92
C ASP A 384 -24.21 8.87 -1.94
N SER A 385 -23.16 8.36 -2.57
CA SER A 385 -22.86 6.93 -2.67
C SER A 385 -22.44 6.27 -1.35
N ILE A 386 -21.85 7.06 -0.45
CA ILE A 386 -21.32 6.56 0.81
C ILE A 386 -22.46 6.06 1.69
N GLN A 387 -22.43 4.79 2.06
CA GLN A 387 -23.45 4.23 2.96
C GLN A 387 -23.05 4.39 4.42
N GLN A 388 -21.78 4.17 4.73
CA GLN A 388 -21.35 4.13 6.12
C GLN A 388 -19.86 4.38 6.19
N GLU A 389 -19.45 5.16 7.19
CA GLU A 389 -18.05 5.47 7.39
C GLU A 389 -17.63 5.01 8.77
N PHE A 390 -16.38 4.53 8.86
CA PHE A 390 -15.87 3.95 10.08
C PHE A 390 -14.47 4.47 10.37
N VAL A 391 -14.21 4.82 11.62
CA VAL A 391 -12.85 5.09 12.08
C VAL A 391 -12.52 4.09 13.20
N HIS A 392 -11.38 3.40 13.06
CA HIS A 392 -11.00 2.26 13.93
C HIS A 392 -12.19 1.30 14.06
N ASN A 393 -12.78 0.93 12.94
CA ASN A 393 -13.92 -0.02 12.90
C ASN A 393 -15.17 0.40 13.68
N THR A 394 -15.30 1.68 14.01
CA THR A 394 -16.49 2.21 14.66
C THR A 394 -17.22 3.18 13.72
N ASP A 395 -18.51 2.99 13.54
CA ASP A 395 -19.38 3.94 12.81
C ASP A 395 -19.16 5.35 13.37
N ILE A 396 -18.80 6.30 12.51
CA ILE A 396 -18.48 7.64 13.00
C ILE A 396 -19.68 8.49 13.38
N GLN A 397 -20.87 8.05 12.98
CA GLN A 397 -22.11 8.59 13.52
C GLN A 397 -22.13 8.49 15.05
N GLN A 398 -21.39 7.51 15.57
CA GLN A 398 -21.33 7.20 17.00
C GLN A 398 -20.06 7.72 17.69
N LEU A 399 -19.23 8.46 16.94
CA LEU A 399 -18.04 9.09 17.51
C LEU A 399 -18.25 10.59 17.44
N ASP A 400 -19.51 11.00 17.58
CA ASP A 400 -20.03 12.35 17.25
C ASP A 400 -19.07 13.52 17.39
N ASP A 401 -19.10 14.39 16.37
CA ASP A 401 -18.26 15.61 16.27
C ASP A 401 -16.88 15.36 15.67
N LEU A 402 -16.40 14.11 15.75
CA LEU A 402 -15.20 13.71 15.02
C LEU A 402 -15.40 13.94 13.54
N LYS A 403 -16.62 13.66 13.08
CA LYS A 403 -16.99 13.85 11.68
C LYS A 403 -16.68 15.28 11.24
N ASP A 404 -17.14 16.26 12.03
CA ASP A 404 -16.93 17.69 11.76
C ASP A 404 -15.46 18.12 11.80
N LYS A 405 -14.65 17.42 12.60
CA LYS A 405 -13.23 17.73 12.73
C LYS A 405 -12.35 17.03 11.70
N THR A 406 -12.94 16.12 10.92
CA THR A 406 -12.15 15.29 10.00
C THR A 406 -12.62 15.36 8.55
N VAL A 407 -13.19 16.49 8.19
CA VAL A 407 -13.70 16.71 6.84
C VAL A 407 -12.63 16.49 5.79
N LEU A 408 -11.46 17.11 5.98
CA LEU A 408 -10.41 17.05 4.99
C LEU A 408 -9.85 15.63 4.82
N ILE A 409 -9.54 14.96 5.92
CA ILE A 409 -8.89 13.63 5.84
C ILE A 409 -9.85 12.53 5.34
N ARG A 410 -11.14 12.64 5.68
CA ARG A 410 -12.14 11.73 5.16
C ARG A 410 -12.42 11.98 3.68
N ASN A 411 -12.39 13.25 3.27
CA ASN A 411 -12.56 13.59 1.86
C ASN A 411 -11.38 13.01 1.05
N VAL A 412 -10.16 13.31 1.48
CA VAL A 412 -8.96 12.72 0.90
C VAL A 412 -9.01 11.19 0.93
N GLY A 413 -9.47 10.62 2.04
CA GLY A 413 -9.57 9.15 2.16
C GLY A 413 -10.55 8.54 1.17
N GLN A 414 -11.68 9.20 0.95
CA GLN A 414 -12.68 8.73 -0.02
C GLN A 414 -12.17 8.80 -1.46
N GLU A 415 -11.43 9.86 -1.78
CA GLU A 415 -10.91 10.02 -3.12
C GLU A 415 -9.79 9.02 -3.40
N ILE A 416 -8.95 8.77 -2.40
CA ILE A 416 -7.98 7.68 -2.48
C ILE A 416 -8.73 6.35 -2.66
N GLY A 417 -9.79 6.16 -1.87
CA GLY A 417 -10.65 4.98 -1.96
C GLY A 417 -11.23 4.75 -3.36
N GLU A 418 -11.66 5.82 -4.02
CA GLU A 418 -12.21 5.73 -5.37
C GLU A 418 -11.14 5.32 -6.38
N ARG A 419 -9.93 5.88 -6.24
CA ARG A 419 -8.78 5.48 -7.06
C ARG A 419 -8.46 4.00 -6.87
N TYR A 420 -8.46 3.57 -5.61
CA TYR A 420 -8.26 2.18 -5.22
C TYR A 420 -9.28 1.21 -5.85
N ILE A 421 -10.57 1.52 -5.72
CA ILE A 421 -11.63 0.74 -6.40
C ILE A 421 -11.36 0.59 -7.91
N LYS A 422 -11.03 1.69 -8.59
CA LYS A 422 -10.74 1.62 -10.03
C LYS A 422 -9.47 0.81 -10.34
N ALA A 423 -8.45 0.93 -9.49
CA ALA A 423 -7.24 0.13 -9.62
C ALA A 423 -7.54 -1.37 -9.55
N ILE A 424 -8.26 -1.78 -8.49
CA ILE A 424 -8.69 -3.17 -8.33
C ILE A 424 -9.54 -3.63 -9.53
N ASP A 425 -10.47 -2.79 -9.99
CA ASP A 425 -11.30 -3.13 -11.16
C ASP A 425 -10.45 -3.30 -12.41
N ASN A 426 -9.28 -2.68 -12.43
CA ASN A 426 -8.39 -2.80 -13.57
C ASN A 426 -7.24 -3.82 -13.41
N GLY A 427 -7.39 -4.72 -12.45
CA GLY A 427 -6.44 -5.82 -12.26
C GLY A 427 -5.31 -5.57 -11.29
N VAL A 428 -5.14 -4.33 -10.80
CA VAL A 428 -4.15 -4.06 -9.74
C VAL A 428 -4.53 -4.85 -8.48
N LYS A 429 -3.53 -5.34 -7.76
CA LYS A 429 -3.75 -6.09 -6.53
C LYS A 429 -3.52 -5.22 -5.31
N ARG A 430 -4.43 -5.31 -4.34
CA ARG A 430 -4.31 -4.60 -3.07
C ARG A 430 -2.90 -4.76 -2.48
N TRP A 431 -2.35 -5.97 -2.62
CA TRP A 431 -1.03 -6.30 -2.07
C TRP A 431 0.13 -5.48 -2.67
N GLN A 432 -0.11 -4.81 -3.79
CA GLN A 432 0.92 -4.02 -4.50
C GLN A 432 0.95 -2.54 -4.10
N ILE A 433 -0.07 -2.09 -3.37
CA ILE A 433 -0.34 -0.66 -3.28
C ILE A 433 0.19 -0.01 -2.01
N LEU A 434 0.87 1.13 -2.18
CA LEU A 434 1.12 2.04 -1.06
C LEU A 434 0.32 3.29 -1.33
N ILE A 435 -0.10 3.97 -0.26
CA ILE A 435 -0.87 5.20 -0.43
C ILE A 435 -0.13 6.43 0.07
N ASP A 436 -0.43 7.56 -0.55
CA ASP A 436 0.20 8.83 -0.25
C ASP A 436 -0.89 9.89 -0.38
N PRO A 437 -1.17 10.63 0.69
CA PRO A 437 -2.20 11.67 0.64
C PRO A 437 -1.81 12.90 -0.19
N GLY A 438 -0.58 12.91 -0.71
CA GLY A 438 -0.14 13.90 -1.69
C GLY A 438 -0.07 15.31 -1.14
N LEU A 439 0.87 15.53 -0.22
CA LEU A 439 1.10 16.88 0.32
C LEU A 439 1.42 17.85 -0.81
N GLY A 440 0.74 18.99 -0.82
CA GLY A 440 0.96 20.01 -1.84
C GLY A 440 0.16 19.85 -3.14
N PHE A 441 -0.47 18.70 -3.33
CA PHE A 441 -1.20 18.43 -4.58
C PHE A 441 -2.66 18.74 -4.37
N ALA A 442 -3.09 19.87 -4.94
CA ALA A 442 -4.42 20.43 -4.72
C ALA A 442 -4.73 20.60 -3.22
N LYS A 443 -3.73 21.06 -2.48
CA LYS A 443 -3.85 21.33 -1.05
C LYS A 443 -3.07 22.58 -0.67
N THR A 444 -3.64 23.40 0.22
CA THR A 444 -2.97 24.57 0.76
C THR A 444 -1.99 24.14 1.88
N TRP A 445 -1.23 25.11 2.38
CA TRP A 445 -0.24 24.84 3.41
C TRP A 445 -0.90 24.43 4.74
N LYS A 446 -2.03 25.04 5.06
CA LYS A 446 -2.80 24.68 6.26
C LYS A 446 -3.37 23.27 6.16
N GLN A 447 -3.78 22.89 4.95
CA GLN A 447 -4.31 21.55 4.69
C GLN A 447 -3.22 20.49 4.82
N ASN A 448 -2.02 20.77 4.31
CA ASN A 448 -0.89 19.85 4.50
C ASN A 448 -0.61 19.55 5.97
N LEU A 449 -0.71 20.58 6.82
CA LEU A 449 -0.49 20.40 8.25
C LEU A 449 -1.55 19.50 8.83
N GLN A 450 -2.80 19.74 8.43
CA GLN A 450 -3.93 18.96 8.92
C GLN A 450 -3.83 17.50 8.50
N ILE A 451 -3.34 17.27 7.29
CA ILE A 451 -3.17 15.90 6.82
C ILE A 451 -2.14 15.16 7.65
N ILE A 452 -1.05 15.83 8.04
CA ILE A 452 -0.03 15.21 8.88
C ILE A 452 -0.64 14.82 10.24
N ARG A 453 -1.34 15.78 10.87
CA ARG A 453 -2.03 15.56 12.14
C ARG A 453 -3.00 14.36 12.09
N HIS A 454 -3.59 14.13 10.92
CA HIS A 454 -4.68 13.14 10.78
C HIS A 454 -4.30 11.84 10.06
N ILE A 455 -3.02 11.60 9.87
CA ILE A 455 -2.58 10.31 9.37
C ILE A 455 -3.16 9.11 10.19
N PRO A 456 -3.19 9.19 11.55
CA PRO A 456 -3.77 8.06 12.30
C PRO A 456 -5.25 7.77 11.98
N ILE A 457 -5.98 8.80 11.60
CA ILE A 457 -7.36 8.64 11.17
C ILE A 457 -7.41 7.98 9.79
N LEU A 458 -6.61 8.50 8.86
CA LEU A 458 -6.49 7.93 7.51
C LEU A 458 -6.18 6.42 7.56
N LYS A 459 -5.23 6.05 8.40
CA LYS A 459 -4.74 4.67 8.46
C LYS A 459 -5.78 3.72 9.02
N ASN A 460 -6.86 4.30 9.58
CA ASN A 460 -7.91 3.53 10.22
C ASN A 460 -9.29 3.91 9.68
N TYR A 461 -9.30 4.42 8.46
CA TYR A 461 -10.52 4.90 7.81
C TYR A 461 -11.05 3.84 6.84
N SER A 462 -12.34 3.58 6.91
CA SER A 462 -12.95 2.65 5.98
C SER A 462 -14.38 3.10 5.75
N PHE A 463 -14.98 2.62 4.67
CA PHE A 463 -16.36 3.00 4.34
C PHE A 463 -16.95 2.01 3.37
N THR A 464 -18.27 1.87 3.42
CA THR A 464 -19.01 1.11 2.42
C THR A 464 -19.64 2.10 1.43
N MET A 465 -19.69 1.69 0.17
CA MET A 465 -20.08 2.57 -0.92
C MET A 465 -20.91 1.80 -1.93
N ASN A 466 -21.96 2.44 -2.43
CA ASN A 466 -22.71 1.89 -3.56
C ASN A 466 -21.96 2.15 -4.86
N SER A 467 -21.65 1.07 -5.58
CA SER A 467 -20.83 1.13 -6.79
C SER A 467 -21.34 0.11 -7.82
N ASN A 468 -21.95 0.63 -8.89
CA ASN A 468 -22.48 -0.18 -10.00
C ASN A 468 -23.48 -1.24 -9.54
N ASN A 469 -24.57 -0.78 -8.91
CA ASN A 469 -25.68 -1.63 -8.46
C ASN A 469 -25.38 -2.52 -7.23
N SER A 470 -24.12 -2.59 -6.81
CA SER A 470 -23.75 -3.37 -5.63
C SER A 470 -22.80 -2.64 -4.66
N GLN A 471 -22.75 -3.13 -3.43
CA GLN A 471 -21.99 -2.48 -2.37
C GLN A 471 -20.52 -2.90 -2.38
N VAL A 472 -19.65 -1.92 -2.13
CA VAL A 472 -18.21 -2.11 -2.08
C VAL A 472 -17.67 -1.59 -0.74
N TYR A 473 -16.72 -2.34 -0.16
CA TYR A 473 -16.09 -1.94 1.10
C TYR A 473 -14.61 -1.58 0.88
N VAL A 474 -14.26 -0.33 1.20
CA VAL A 474 -12.88 0.17 1.10
C VAL A 474 -12.30 0.32 2.50
N ASN A 475 -11.21 -0.39 2.76
CA ASN A 475 -10.55 -0.36 4.06
C ASN A 475 -9.09 0.04 3.90
N LEU A 476 -8.74 1.20 4.46
CA LEU A 476 -7.37 1.71 4.38
C LEU A 476 -6.41 1.13 5.43
N ARG A 477 -6.95 0.38 6.38
CA ARG A 477 -6.15 -0.34 7.34
C ARG A 477 -5.15 -1.24 6.63
N ASN A 478 -3.89 -1.13 7.05
CA ASN A 478 -2.73 -1.90 6.52
C ASN A 478 -2.13 -1.35 5.25
N MET A 479 -2.76 -0.34 4.65
CA MET A 479 -2.18 0.28 3.47
C MET A 479 -1.07 1.22 3.90
N PRO A 480 0.19 0.88 3.56
CA PRO A 480 1.32 1.67 4.07
C PRO A 480 1.25 3.08 3.51
N VAL A 481 1.58 4.05 4.35
CA VAL A 481 1.48 5.45 4.02
C VAL A 481 2.85 6.05 3.74
N LEU A 482 2.98 6.65 2.56
CA LEU A 482 4.14 7.45 2.18
C LEU A 482 3.76 8.92 2.32
N LEU A 483 4.64 9.71 2.94
CA LEU A 483 4.54 11.17 2.94
C LEU A 483 5.78 11.80 2.31
N GLY A 484 5.57 12.83 1.50
CA GLY A 484 6.67 13.62 0.95
C GLY A 484 6.59 15.07 1.39
N PRO A 485 7.13 15.38 2.58
CA PRO A 485 7.08 16.74 3.10
C PRO A 485 8.25 17.61 2.65
N SER A 486 9.28 16.99 2.08
CA SER A 486 10.59 17.62 1.94
C SER A 486 10.57 18.91 1.12
N ARG A 487 11.14 19.96 1.72
CA ARG A 487 11.30 21.26 1.09
C ARG A 487 10.01 21.91 0.58
N LYS A 488 8.86 21.35 0.95
CA LYS A 488 7.58 21.88 0.45
C LYS A 488 7.29 23.33 0.89
N LYS A 489 6.54 24.05 0.05
CA LYS A 489 6.18 25.44 0.31
C LYS A 489 5.59 25.65 1.70
N PHE A 490 4.85 24.65 2.20
CA PHE A 490 4.19 24.74 3.50
C PHE A 490 5.15 24.94 4.67
N ILE A 491 6.32 24.31 4.57
CA ILE A 491 7.42 24.50 5.52
C ILE A 491 7.96 25.92 5.42
N GLY A 492 8.25 26.34 4.19
CA GLY A 492 8.79 27.67 3.91
C GLY A 492 7.91 28.80 4.40
N HIS A 493 6.59 28.60 4.33
CA HIS A 493 5.64 29.59 4.83
C HIS A 493 5.75 29.82 6.35
N ILE A 494 5.95 28.73 7.08
CA ILE A 494 6.03 28.79 8.54
C ILE A 494 7.41 29.26 9.03
N THR A 495 8.47 28.79 8.37
CA THR A 495 9.85 29.12 8.77
C THR A 495 10.37 30.39 8.07
N LYS A 496 9.53 30.95 7.19
CA LYS A 496 9.87 32.14 6.38
C LYS A 496 11.15 31.95 5.54
N ASP A 497 11.34 30.72 5.04
CA ASP A 497 12.42 30.38 4.10
C ASP A 497 11.93 30.47 2.66
N VAL A 498 12.43 31.46 1.94
CA VAL A 498 12.03 31.71 0.55
C VAL A 498 12.51 30.62 -0.41
N ASP A 499 13.79 30.27 -0.28
CA ASP A 499 14.43 29.26 -1.12
C ASP A 499 14.24 27.84 -0.57
N ALA A 500 13.90 26.91 -1.46
CA ALA A 500 13.66 25.51 -1.11
C ALA A 500 14.90 24.83 -0.52
N LYS A 501 16.07 25.16 -1.05
CA LYS A 501 17.36 24.61 -0.62
C LYS A 501 17.66 24.84 0.88
N GLN A 502 17.15 25.93 1.46
CA GLN A 502 17.35 26.24 2.87
C GLN A 502 16.25 25.66 3.80
N ARG A 503 15.41 24.75 3.27
CA ARG A 503 14.33 24.13 4.05
C ARG A 503 14.66 22.73 4.59
N ASP A 504 15.93 22.34 4.52
CA ASP A 504 16.33 20.99 4.91
C ASP A 504 16.29 20.71 6.41
N PHE A 505 16.74 21.68 7.22
CA PHE A 505 16.69 21.57 8.68
C PHE A 505 15.26 21.45 9.19
N ALA A 506 14.41 22.38 8.76
CA ALA A 506 12.99 22.37 9.08
C ALA A 506 12.37 21.04 8.66
N THR A 507 12.77 20.53 7.50
CA THR A 507 12.29 19.25 7.02
C THR A 507 12.58 18.14 8.03
N GLY A 508 13.73 18.21 8.69
CA GLY A 508 14.10 17.23 9.73
C GLY A 508 13.05 17.12 10.81
N ALA A 509 12.60 18.27 11.31
CA ALA A 509 11.53 18.36 12.31
C ALA A 509 10.21 17.78 11.81
N VAL A 510 9.83 18.13 10.58
CA VAL A 510 8.55 17.69 10.02
C VAL A 510 8.55 16.18 9.77
N VAL A 511 9.68 15.67 9.32
CA VAL A 511 9.86 14.23 9.08
C VAL A 511 9.67 13.46 10.40
N ALA A 512 10.30 13.93 11.47
CA ALA A 512 10.08 13.35 12.80
C ALA A 512 8.58 13.25 13.12
N SER A 513 7.86 14.34 12.88
CA SER A 513 6.43 14.43 13.19
C SER A 513 5.57 13.53 12.31
N CYS A 514 5.88 13.48 11.01
CA CYS A 514 5.24 12.54 10.08
C CYS A 514 5.33 11.10 10.57
N ILE A 515 6.51 10.69 10.99
CA ILE A 515 6.74 9.34 11.54
C ILE A 515 5.92 9.15 12.82
N GLY A 516 5.95 10.15 13.70
CA GLY A 516 5.16 10.12 14.94
C GLY A 516 3.67 9.95 14.70
N PHE A 517 3.16 10.49 13.58
CA PHE A 517 1.76 10.34 13.22
C PHE A 517 1.46 9.09 12.38
N GLY A 518 2.49 8.32 12.03
CA GLY A 518 2.26 6.98 11.45
C GLY A 518 2.69 6.75 10.02
N SER A 519 3.46 7.67 9.48
CA SER A 519 4.00 7.55 8.13
C SER A 519 4.95 6.34 8.09
N ASP A 520 4.78 5.45 7.11
CA ASP A 520 5.60 4.23 7.02
C ASP A 520 6.81 4.40 6.11
N MET A 521 6.77 5.46 5.30
CA MET A 521 7.84 5.80 4.38
C MET A 521 7.85 7.33 4.19
N VAL A 522 9.04 7.90 4.11
CA VAL A 522 9.18 9.33 3.86
C VAL A 522 10.07 9.59 2.65
N ARG A 523 9.62 10.53 1.82
CA ARG A 523 10.34 10.95 0.64
C ARG A 523 11.12 12.23 0.98
N VAL A 524 12.45 12.19 0.88
CA VAL A 524 13.32 13.29 1.34
C VAL A 524 14.43 13.70 0.34
N HIS A 525 14.85 14.96 0.42
CA HIS A 525 15.95 15.50 -0.39
C HIS A 525 17.30 15.35 0.33
N ASP A 526 17.40 15.91 1.53
CA ASP A 526 18.65 15.87 2.29
C ASP A 526 18.75 14.51 2.97
N VAL A 527 19.33 13.55 2.27
CA VAL A 527 19.38 12.17 2.68
C VAL A 527 20.27 12.00 3.92
N LYS A 528 21.48 12.54 3.87
CA LYS A 528 22.44 12.41 4.96
C LYS A 528 21.87 12.89 6.29
N ASN A 529 21.28 14.08 6.28
CA ASN A 529 20.69 14.64 7.50
C ASN A 529 19.34 14.05 7.89
N CYS A 530 18.42 13.92 6.94
CA CYS A 530 17.10 13.35 7.27
C CYS A 530 17.19 11.92 7.75
N SER A 531 18.25 11.23 7.33
CA SER A 531 18.50 9.87 7.80
C SER A 531 18.64 9.83 9.33
N LYS A 532 19.33 10.82 9.89
CA LYS A 532 19.49 10.96 11.34
C LYS A 532 18.15 11.22 12.03
N SER A 533 17.33 12.09 11.45
CA SER A 533 16.00 12.40 11.93
C SER A 533 15.09 11.17 12.00
N ILE A 534 15.06 10.43 10.90
CA ILE A 534 14.26 9.22 10.78
C ILE A 534 14.65 8.19 11.84
N LYS A 535 15.95 8.01 12.04
CA LYS A 535 16.49 7.08 13.01
C LYS A 535 16.09 7.44 14.45
N LEU A 536 16.11 8.74 14.75
CA LEU A 536 15.73 9.24 16.07
C LEU A 536 14.24 9.11 16.33
N ALA A 537 13.43 9.45 15.33
CA ALA A 537 11.99 9.37 15.42
C ALA A 537 11.57 7.92 15.60
N ASP A 538 12.22 7.03 14.86
CA ASP A 538 11.98 5.60 15.00
C ASP A 538 12.33 5.13 16.43
N ALA A 539 13.43 5.63 17.00
CA ALA A 539 13.79 5.29 18.39
C ALA A 539 12.70 5.79 19.35
N ILE A 540 12.30 7.04 19.17
CA ILE A 540 11.35 7.68 20.08
C ILE A 540 9.95 7.08 19.95
N TYR A 541 9.44 6.99 18.74
CA TYR A 541 8.05 6.59 18.54
C TYR A 541 7.86 5.08 18.45
N LYS A 542 8.88 4.37 17.96
CA LYS A 542 8.74 2.96 17.67
C LYS A 542 9.50 2.07 18.66
N GLY A 543 10.37 2.67 19.47
CA GLY A 543 11.18 1.90 20.41
C GLY A 543 12.34 1.20 19.71
N LEU A 544 12.65 1.65 18.49
CA LEU A 544 13.73 1.04 17.73
C LEU A 544 15.07 1.63 18.14
N GLU A 545 15.60 1.07 19.21
CA GLU A 545 16.78 1.63 19.86
C GLU A 545 17.98 0.73 19.59
N5 PMM B . 6.08 15.38 -4.15
C6 PMM B . 6.70 15.81 -5.19
C7 PMM B . 7.08 14.89 -6.32
N8 PMM B . 6.69 13.49 -6.17
N1 PMM B . 5.69 11.73 -4.95
C2 PMM B . 5.02 11.29 -3.84
N2 PMM B . 4.69 9.99 -3.79
N3 PMM B . 4.68 12.12 -2.83
C4 PMM B . 4.98 13.43 -2.84
O4 PMM B . 4.65 14.17 -1.89
C4A PMM B . 5.70 13.99 -4.01
C8A PMM B . 6.04 13.04 -5.08
C9 PMM B . 7.06 17.28 -5.26
O10 PMM B . 8.37 17.43 -4.65
PA PMM B . 9.74 17.72 -5.48
O1P PMM B . 9.29 18.55 -6.67
O2P PMM B . 10.31 16.36 -5.89
O3P PMM B . 10.58 18.44 -4.47
N5 PMM C . -1.81 -23.28 8.67
C6 PMM C . -1.76 -24.42 9.20
C7 PMM C . -0.98 -24.66 10.50
N8 PMM C . -0.31 -23.50 11.10
N1 PMM C . 0.25 -21.18 11.02
C2 PMM C . 0.15 -19.98 10.38
N2 PMM C . 0.76 -18.90 10.90
N3 PMM C . -0.53 -19.81 9.24
C4 PMM C . -1.19 -20.82 8.64
O4 PMM C . -1.84 -20.68 7.56
C4A PMM C . -1.14 -22.14 9.27
C8A PMM C . -0.37 -22.28 10.52
C9 PMM C . -2.54 -25.53 8.50
O10 PMM C . -3.93 -25.37 8.89
PA PMM C . -5.20 -26.28 8.42
O1P PMM C . -5.49 -25.85 7.00
O2P PMM C . -6.34 -25.94 9.38
O3P PMM C . -4.71 -27.71 8.56
#